data_3F6F
#
_entry.id   3F6F
#
_cell.length_a   49.649
_cell.length_b   49.649
_cell.length_c   195.373
_cell.angle_alpha   90.00
_cell.angle_beta   90.00
_cell.angle_gamma   90.00
#
_symmetry.space_group_name_H-M   'P 41 2 2'
#
loop_
_entity.id
_entity.type
_entity.pdbx_description
1 polymer 'CG18548-PA (IP02196p) (IP02193p)'
2 water water
#
_entity_poly.entity_id   1
_entity_poly.type   'polypeptide(L)'
_entity_poly.pdbx_seq_one_letter_code
;MDLYYRPGSAPCRSVLMTAKALGVEFDKKTIINTRAREQFTPEYLKINPQHTIPTLHDHGFALWESRAIMVYLVEKYGKD
DKLFPKDVQKQALINQRLYFDMGTLYKSFSEYYYPQIFLKKPANEENYKKIEVAFEFLNTFLEGQTYSAGGDYSLADIAF
LATVSTFDVAGFDFKRYANVARWYENAKKLTPGWEENWAGCQEFRKYFDN
;
_entity_poly.pdbx_strand_id   A
#
# COMPACT_ATOMS: atom_id res chain seq x y z
N MET A 1 -16.69 6.48 10.34
CA MET A 1 -16.52 5.38 9.34
C MET A 1 -15.78 4.19 9.92
N ASP A 2 -16.00 3.01 9.32
CA ASP A 2 -15.43 1.76 9.81
C ASP A 2 -14.46 1.29 8.75
N LEU A 3 -13.29 0.82 9.18
CA LEU A 3 -12.33 0.19 8.27
C LEU A 3 -12.21 -1.29 8.61
N TYR A 4 -12.42 -2.14 7.61
CA TYR A 4 -12.25 -3.57 7.74
C TYR A 4 -10.87 -3.88 7.15
N TYR A 5 -10.00 -4.44 7.96
CA TYR A 5 -8.60 -4.56 7.59
C TYR A 5 -7.85 -5.68 8.30
N ARG A 6 -6.56 -5.78 7.99
CA ARG A 6 -5.60 -6.60 8.74
C ARG A 6 -4.34 -5.76 8.80
N PRO A 7 -3.72 -5.67 9.99
CA PRO A 7 -2.56 -4.78 10.14
C PRO A 7 -1.36 -5.17 9.28
N GLY A 8 -1.18 -6.45 9.01
CA GLY A 8 -0.06 -6.91 8.19
C GLY A 8 -0.16 -6.58 6.71
N SER A 9 -1.39 -6.33 6.26
CA SER A 9 -1.68 -6.20 4.84
C SER A 9 -1.16 -4.87 4.25
N ALA A 10 -0.33 -4.94 3.21
CA ALA A 10 0.19 -3.71 2.56
C ALA A 10 -0.91 -2.76 2.07
N PRO A 11 -1.92 -3.28 1.34
CA PRO A 11 -2.97 -2.33 0.94
C PRO A 11 -3.70 -1.70 2.14
N CYS A 12 -3.91 -2.46 3.22
CA CYS A 12 -4.49 -1.90 4.43
C CYS A 12 -3.59 -0.81 5.02
N ARG A 13 -2.29 -1.11 5.08
CA ARG A 13 -1.33 -0.17 5.64
C ARG A 13 -1.23 1.13 4.85
N SER A 14 -1.44 1.04 3.53
CA SER A 14 -1.45 2.26 2.70
C SER A 14 -2.63 3.15 3.12
N VAL A 15 -3.79 2.55 3.40
CA VAL A 15 -4.98 3.29 3.82
C VAL A 15 -4.76 3.91 5.19
N LEU A 16 -4.21 3.12 6.10
CA LEU A 16 -3.93 3.63 7.46
C LEU A 16 -2.97 4.82 7.43
N MET A 17 -1.91 4.71 6.62
CA MET A 17 -0.97 5.84 6.48
C MET A 17 -1.63 7.08 5.92
N THR A 18 -2.56 6.89 4.97
CA THR A 18 -3.26 7.99 4.34
C THR A 18 -4.15 8.71 5.37
N ALA A 19 -4.84 7.92 6.19
CA ALA A 19 -5.73 8.47 7.20
C ALA A 19 -4.90 9.32 8.18
N LYS A 20 -3.78 8.77 8.64
CA LYS A 20 -2.87 9.50 9.56
C LYS A 20 -2.36 10.81 8.94
N ALA A 21 -1.97 10.76 7.68
CA ALA A 21 -1.49 11.94 6.93
C ALA A 21 -2.54 13.03 6.88
N LEU A 22 -3.80 12.64 6.83
CA LEU A 22 -4.93 13.55 6.71
C LEU A 22 -5.48 14.02 8.05
N GLY A 23 -5.01 13.41 9.14
CA GLY A 23 -5.58 13.68 10.48
C GLY A 23 -6.98 13.12 10.62
N VAL A 24 -7.25 12.05 9.88
CA VAL A 24 -8.53 11.36 9.86
C VAL A 24 -8.43 10.16 10.79
N GLU A 25 -9.44 9.99 11.65
CA GLU A 25 -9.54 8.83 12.51
C GLU A 25 -10.74 8.00 12.10
N PHE A 26 -10.58 6.69 12.11
CA PHE A 26 -11.70 5.80 11.86
C PHE A 26 -12.50 5.64 13.14
N ASP A 27 -13.82 5.76 13.00
CA ASP A 27 -14.72 5.61 14.14
C ASP A 27 -14.65 4.19 14.67
N LYS A 28 -14.30 3.25 13.78
CA LYS A 28 -14.18 1.84 14.13
C LYS A 28 -13.15 1.19 13.21
N LYS A 29 -12.32 0.30 13.76
CA LYS A 29 -11.36 -0.49 12.99
C LYS A 29 -11.52 -1.96 13.29
N THR A 30 -11.97 -2.72 12.29
CA THR A 30 -12.36 -4.13 12.48
C THR A 30 -11.36 -5.06 11.80
N ILE A 31 -10.65 -5.87 12.58
CA ILE A 31 -9.70 -6.83 12.01
C ILE A 31 -10.45 -8.05 11.51
N ILE A 32 -10.30 -8.33 10.22
CA ILE A 32 -10.95 -9.46 9.56
C ILE A 32 -10.07 -10.70 9.69
N ASN A 33 -10.65 -11.74 10.26
CA ASN A 33 -9.98 -13.02 10.38
C ASN A 33 -10.31 -13.84 9.13
N THR A 34 -9.37 -13.86 8.18
CA THR A 34 -9.56 -14.54 6.91
C THR A 34 -9.41 -16.07 7.02
N ARG A 35 -8.68 -16.52 8.04
CA ARG A 35 -8.60 -17.96 8.37
C ARG A 35 -9.95 -18.52 8.81
N ALA A 36 -10.76 -17.67 9.44
CA ALA A 36 -12.12 -18.02 9.83
C ALA A 36 -13.15 -17.68 8.74
N ARG A 37 -12.67 -17.29 7.56
CA ARG A 37 -13.55 -16.86 6.44
C ARG A 37 -14.56 -15.79 6.85
N GLU A 38 -14.13 -14.85 7.68
CA GLU A 38 -15.00 -13.75 8.12
C GLU A 38 -15.42 -12.85 6.95
N GLN A 39 -14.62 -12.82 5.89
CA GLN A 39 -14.96 -12.02 4.71
C GLN A 39 -16.11 -12.64 3.89
N PHE A 40 -16.45 -13.90 4.19
CA PHE A 40 -17.49 -14.62 3.44
C PHE A 40 -18.87 -14.63 4.10
N THR A 41 -19.02 -13.91 5.22
CA THR A 41 -20.31 -13.84 5.91
C THR A 41 -21.29 -13.02 5.07
N PRO A 42 -22.61 -13.32 5.17
CA PRO A 42 -23.60 -12.49 4.47
C PRO A 42 -23.45 -11.00 4.79
N GLU A 43 -23.13 -10.67 6.03
CA GLU A 43 -22.96 -9.28 6.46
C GLU A 43 -21.79 -8.63 5.75
N TYR A 44 -20.68 -9.36 5.59
CA TYR A 44 -19.52 -8.77 4.90
C TYR A 44 -19.79 -8.66 3.40
N LEU A 45 -20.39 -9.69 2.82
CA LEU A 45 -20.66 -9.70 1.38
C LEU A 45 -21.66 -8.61 0.99
N LYS A 46 -22.54 -8.26 1.93
CA LYS A 46 -23.48 -7.17 1.74
C LYS A 46 -22.76 -5.83 1.57
N ILE A 47 -21.64 -5.67 2.27
CA ILE A 47 -20.83 -4.44 2.16
C ILE A 47 -19.89 -4.56 0.97
N ASN A 48 -19.21 -5.69 0.86
CA ASN A 48 -18.24 -5.93 -0.21
C ASN A 48 -18.40 -7.31 -0.81
N PRO A 49 -19.15 -7.41 -1.94
CA PRO A 49 -19.38 -8.69 -2.60
C PRO A 49 -18.09 -9.35 -3.09
N GLN A 50 -17.02 -8.58 -3.24
CA GLN A 50 -15.75 -9.15 -3.68
C GLN A 50 -14.94 -9.74 -2.51
N HIS A 51 -15.44 -9.51 -1.30
CA HIS A 51 -14.84 -10.01 -0.03
C HIS A 51 -13.32 -9.82 0.11
N THR A 52 -12.88 -8.59 -0.16
CA THR A 52 -11.47 -8.24 -0.05
C THR A 52 -11.25 -7.33 1.17
N ILE A 53 -9.99 -7.14 1.53
CA ILE A 53 -9.59 -6.13 2.50
C ILE A 53 -8.52 -5.26 1.84
N PRO A 54 -8.46 -3.96 2.15
CA PRO A 54 -9.33 -3.21 3.07
C PRO A 54 -10.70 -2.89 2.47
N THR A 55 -11.70 -2.76 3.33
CA THR A 55 -13.01 -2.24 2.95
C THR A 55 -13.34 -1.09 3.87
N LEU A 56 -13.75 0.02 3.27
CA LEU A 56 -14.21 1.18 4.01
C LEU A 56 -15.72 1.23 4.01
N HIS A 57 -16.31 1.54 5.15
CA HIS A 57 -17.74 1.71 5.21
C HIS A 57 -17.99 3.10 5.80
N ASP A 58 -18.45 4.03 4.97
CA ASP A 58 -18.57 5.44 5.37
C ASP A 58 -20.01 5.92 5.23
N HIS A 59 -20.72 5.99 6.36
CA HIS A 59 -22.13 6.40 6.36
C HIS A 59 -22.96 5.73 5.25
N GLY A 60 -22.88 4.42 5.14
CA GLY A 60 -23.68 3.70 4.15
C GLY A 60 -23.00 3.47 2.81
N PHE A 61 -21.92 4.20 2.55
CA PHE A 61 -21.12 4.02 1.33
C PHE A 61 -20.03 3.00 1.60
N ALA A 62 -20.03 1.92 0.83
CA ALA A 62 -19.01 0.88 0.90
C ALA A 62 -18.02 1.13 -0.22
N LEU A 63 -16.73 0.99 0.11
CA LEU A 63 -15.68 1.14 -0.88
C LEU A 63 -14.56 0.18 -0.60
N TRP A 64 -14.05 -0.41 -1.67
CA TRP A 64 -12.85 -1.24 -1.55
C TRP A 64 -11.89 -0.92 -2.69
N GLU A 65 -10.75 -1.61 -2.68
CA GLU A 65 -9.54 -1.31 -3.48
C GLU A 65 -8.80 -0.19 -2.76
N SER A 66 -7.64 -0.55 -2.18
CA SER A 66 -6.93 0.38 -1.31
C SER A 66 -6.68 1.72 -1.98
N ARG A 67 -6.32 1.71 -3.25
CA ARG A 67 -5.92 2.93 -3.91
C ARG A 67 -7.11 3.85 -4.23
N ALA A 68 -8.28 3.25 -4.44
CA ALA A 68 -9.54 3.99 -4.54
C ALA A 68 -9.88 4.61 -3.17
N ILE A 69 -9.71 3.83 -2.11
CA ILE A 69 -9.95 4.37 -0.75
C ILE A 69 -9.02 5.57 -0.48
N MET A 70 -7.74 5.44 -0.83
CA MET A 70 -6.77 6.51 -0.55
C MET A 70 -7.22 7.82 -1.20
N VAL A 71 -7.60 7.74 -2.47
CA VAL A 71 -8.00 8.92 -3.22
C VAL A 71 -9.30 9.49 -2.63
N TYR A 72 -10.22 8.58 -2.28
CA TYR A 72 -11.49 8.98 -1.69
C TYR A 72 -11.26 9.78 -0.41
N LEU A 73 -10.38 9.28 0.44
CA LEU A 73 -10.13 9.96 1.72
C LEU A 73 -9.55 11.36 1.50
N VAL A 74 -8.59 11.47 0.58
CA VAL A 74 -8.01 12.79 0.29
C VAL A 74 -9.07 13.75 -0.24
N GLU A 75 -9.85 13.29 -1.21
CA GLU A 75 -10.83 14.14 -1.86
C GLU A 75 -11.97 14.54 -0.95
N LYS A 76 -12.35 13.66 -0.04
CA LYS A 76 -13.49 13.94 0.83
C LYS A 76 -13.08 14.67 2.10
N TYR A 77 -12.05 14.15 2.77
CA TYR A 77 -11.70 14.56 4.13
C TYR A 77 -10.44 15.38 4.25
N GLY A 78 -9.75 15.59 3.13
CA GLY A 78 -8.50 16.34 3.12
C GLY A 78 -8.72 17.82 3.32
N LYS A 79 -8.01 18.40 4.28
CA LYS A 79 -8.07 19.85 4.54
C LYS A 79 -7.50 20.64 3.35
N ASP A 80 -6.60 19.99 2.63
CA ASP A 80 -6.08 20.49 1.36
C ASP A 80 -5.87 19.33 0.39
N ASP A 81 -5.47 19.66 -0.83
CA ASP A 81 -5.29 18.70 -1.91
C ASP A 81 -3.83 18.27 -2.13
N LYS A 82 -2.92 18.63 -1.22
CA LYS A 82 -1.48 18.36 -1.44
C LYS A 82 -1.12 16.92 -1.88
N LEU A 83 -1.72 15.93 -1.20
CA LEU A 83 -1.48 14.52 -1.50
C LEU A 83 -2.08 14.05 -2.83
N PHE A 84 -3.10 14.77 -3.31
CA PHE A 84 -3.76 14.42 -4.55
C PHE A 84 -4.34 15.70 -5.13
N PRO A 85 -3.47 16.52 -5.75
CA PRO A 85 -3.80 17.90 -6.09
C PRO A 85 -4.92 18.02 -7.12
N LYS A 86 -5.55 19.19 -7.18
CA LYS A 86 -6.62 19.43 -8.15
C LYS A 86 -6.12 19.36 -9.59
N ASP A 87 -4.86 19.76 -9.80
CA ASP A 87 -4.26 19.78 -11.12
C ASP A 87 -4.33 18.44 -11.86
N VAL A 88 -4.89 18.48 -13.05
CA VAL A 88 -5.21 17.28 -13.85
C VAL A 88 -3.97 16.45 -14.20
N GLN A 89 -2.91 17.12 -14.63
CA GLN A 89 -1.65 16.45 -14.96
C GLN A 89 -0.97 15.87 -13.73
N LYS A 90 -0.98 16.61 -12.63
CA LYS A 90 -0.42 16.06 -11.38
C LYS A 90 -1.19 14.83 -10.92
N GLN A 91 -2.53 14.89 -10.96
CA GLN A 91 -3.33 13.72 -10.59
C GLN A 91 -3.03 12.55 -11.52
N ALA A 92 -2.89 12.85 -12.81
CA ALA A 92 -2.64 11.78 -13.82
C ALA A 92 -1.34 11.02 -13.53
N LEU A 93 -0.28 11.75 -13.21
CA LEU A 93 0.97 11.12 -12.84
C LEU A 93 0.83 10.26 -11.58
N ILE A 94 0.16 10.79 -10.56
CA ILE A 94 -0.08 9.99 -9.35
C ILE A 94 -0.86 8.73 -9.70
N ASN A 95 -1.91 8.87 -10.50
CA ASN A 95 -2.70 7.71 -10.89
C ASN A 95 -1.88 6.65 -11.62
N GLN A 96 -1.03 7.06 -12.55
CA GLN A 96 -0.17 6.11 -13.26
C GLN A 96 0.71 5.36 -12.23
N ARG A 97 1.29 6.10 -11.28
CA ARG A 97 2.10 5.47 -10.24
C ARG A 97 1.32 4.51 -9.38
N LEU A 98 0.06 4.85 -9.08
CA LEU A 98 -0.77 3.95 -8.29
C LEU A 98 -1.06 2.64 -9.03
N TYR A 99 -1.31 2.73 -10.34
CA TYR A 99 -1.50 1.51 -11.15
C TYR A 99 -0.23 0.69 -11.24
N PHE A 100 0.91 1.37 -11.32
CA PHE A 100 2.20 0.71 -11.34
C PHE A 100 2.41 -0.05 -10.02
N ASP A 101 2.08 0.61 -8.91
CA ASP A 101 2.20 -0.04 -7.62
C ASP A 101 1.37 -1.31 -7.57
N MET A 102 0.14 -1.25 -8.06
CA MET A 102 -0.72 -2.43 -7.95
C MET A 102 -0.30 -3.51 -8.95
N GLY A 103 -0.14 -3.10 -10.21
CA GLY A 103 0.01 -4.05 -11.31
C GLY A 103 1.40 -4.55 -11.60
N THR A 104 2.39 -3.82 -11.08
CA THR A 104 3.78 -4.18 -11.36
C THR A 104 4.57 -4.41 -10.08
N LEU A 105 4.64 -3.39 -9.23
CA LEU A 105 5.50 -3.49 -8.05
C LEU A 105 4.96 -4.44 -6.99
N TYR A 106 3.76 -4.17 -6.45
CA TYR A 106 3.22 -5.14 -5.47
C TYR A 106 2.90 -6.51 -6.11
N LYS A 107 2.50 -6.50 -7.38
CA LYS A 107 2.28 -7.77 -8.09
C LYS A 107 3.54 -8.62 -8.04
N SER A 108 4.70 -7.98 -8.19
CA SER A 108 5.96 -8.73 -8.20
C SER A 108 6.22 -9.32 -6.80
N PHE A 109 5.78 -8.60 -5.76
CA PHE A 109 5.89 -9.10 -4.40
C PHE A 109 5.06 -10.36 -4.21
N SER A 110 3.77 -10.27 -4.56
CA SER A 110 2.89 -11.38 -4.28
C SER A 110 3.27 -12.58 -5.13
N GLU A 111 3.60 -12.35 -6.40
CA GLU A 111 3.97 -13.46 -7.29
C GLU A 111 5.21 -14.23 -6.87
N TYR A 112 6.17 -13.54 -6.25
CA TYR A 112 7.37 -14.21 -5.74
C TYR A 112 7.18 -14.83 -4.36
N TYR A 113 6.57 -14.08 -3.43
CA TYR A 113 6.55 -14.50 -2.02
C TYR A 113 5.35 -15.35 -1.60
N TYR A 114 4.18 -15.08 -2.18
CA TYR A 114 2.98 -15.84 -1.80
C TYR A 114 3.10 -17.34 -2.02
N PRO A 115 3.64 -17.78 -3.18
CA PRO A 115 3.82 -19.23 -3.32
C PRO A 115 4.74 -19.84 -2.26
N GLN A 116 5.67 -19.05 -1.74
CA GLN A 116 6.56 -19.51 -0.68
C GLN A 116 5.88 -19.54 0.68
N ILE A 117 5.41 -18.37 1.14
CA ILE A 117 4.90 -18.22 2.50
C ILE A 117 3.52 -18.85 2.73
N PHE A 118 2.72 -18.92 1.67
CA PHE A 118 1.38 -19.49 1.80
C PHE A 118 1.30 -20.89 1.22
N LEU A 119 1.88 -21.10 0.03
CA LEU A 119 1.80 -22.40 -0.63
C LEU A 119 2.96 -23.36 -0.35
N LYS A 120 4.00 -22.87 0.34
CA LYS A 120 5.17 -23.66 0.76
C LYS A 120 6.01 -24.23 -0.39
N LYS A 121 6.01 -23.52 -1.52
CA LYS A 121 6.82 -23.88 -2.68
C LYS A 121 8.18 -23.19 -2.62
N PRO A 122 9.20 -23.77 -3.29
CA PRO A 122 10.50 -23.12 -3.32
C PRO A 122 10.46 -21.82 -4.12
N ALA A 123 11.37 -20.91 -3.79
CA ALA A 123 11.51 -19.64 -4.52
C ALA A 123 11.72 -19.87 -6.00
N ASN A 124 11.00 -19.12 -6.82
CA ASN A 124 11.07 -19.20 -8.27
C ASN A 124 11.96 -18.06 -8.78
N GLU A 125 13.11 -18.41 -9.36
CA GLU A 125 14.09 -17.40 -9.78
C GLU A 125 13.57 -16.42 -10.85
N GLU A 126 12.67 -16.89 -11.72
CA GLU A 126 12.10 -16.01 -12.74
C GLU A 126 11.23 -14.93 -12.12
N ASN A 127 10.49 -15.32 -11.07
CA ASN A 127 9.69 -14.38 -10.30
C ASN A 127 10.57 -13.41 -9.52
N TYR A 128 11.74 -13.86 -9.06
CA TYR A 128 12.70 -12.96 -8.43
C TYR A 128 13.15 -11.88 -9.42
N LYS A 129 13.43 -12.30 -10.65
CA LYS A 129 13.86 -11.38 -11.70
C LYS A 129 12.80 -10.30 -12.00
N LYS A 130 11.53 -10.69 -11.88
CA LYS A 130 10.42 -9.76 -12.08
C LYS A 130 10.37 -8.67 -11.02
N ILE A 131 10.74 -9.00 -9.79
CA ILE A 131 10.92 -8.00 -8.73
C ILE A 131 12.02 -7.02 -9.14
N GLU A 132 13.17 -7.54 -9.58
CA GLU A 132 14.25 -6.68 -10.01
C GLU A 132 13.82 -5.74 -11.13
N VAL A 133 13.10 -6.27 -12.12
CA VAL A 133 12.54 -5.44 -13.19
C VAL A 133 11.69 -4.30 -12.63
N ALA A 134 10.82 -4.62 -11.67
CA ALA A 134 9.94 -3.63 -11.07
C ALA A 134 10.72 -2.55 -10.30
N PHE A 135 11.70 -2.98 -9.50
CA PHE A 135 12.54 -2.02 -8.78
C PHE A 135 13.36 -1.16 -9.73
N GLU A 136 13.81 -1.75 -10.84
CA GLU A 136 14.54 -0.97 -11.83
C GLU A 136 13.68 0.17 -12.39
N PHE A 137 12.41 -0.11 -12.66
CA PHE A 137 11.48 0.92 -13.16
C PHE A 137 11.30 2.00 -12.07
N LEU A 138 11.08 1.57 -10.84
CA LEU A 138 10.87 2.55 -9.75
C LEU A 138 12.12 3.39 -9.59
N ASN A 139 13.28 2.75 -9.69
CA ASN A 139 14.55 3.47 -9.61
C ASN A 139 14.69 4.53 -10.69
N THR A 140 14.26 4.19 -11.91
CA THR A 140 14.27 5.13 -13.01
C THR A 140 13.27 6.26 -12.79
N PHE A 141 12.09 5.95 -12.27
CA PHE A 141 11.10 6.99 -11.97
C PHE A 141 11.70 8.01 -11.00
N LEU A 142 12.53 7.51 -10.07
CA LEU A 142 13.09 8.38 -9.04
C LEU A 142 14.40 9.04 -9.44
N GLU A 143 14.88 8.78 -10.65
CA GLU A 143 16.14 9.41 -11.10
C GLU A 143 15.97 10.94 -11.12
N GLY A 144 16.79 11.64 -10.32
CA GLY A 144 16.75 13.10 -10.29
C GLY A 144 15.57 13.67 -9.52
N GLN A 145 14.83 12.79 -8.84
CA GLN A 145 13.59 13.19 -8.16
C GLN A 145 13.62 12.86 -6.67
N THR A 146 13.08 13.76 -5.86
CA THR A 146 13.00 13.54 -4.41
C THR A 146 11.83 12.61 -4.09
N TYR A 147 10.72 12.82 -4.79
CA TYR A 147 9.50 12.06 -4.56
C TYR A 147 9.12 11.28 -5.79
N SER A 148 8.16 10.35 -5.64
CA SER A 148 7.88 9.38 -6.70
C SER A 148 6.91 9.85 -7.77
N ALA A 149 6.16 10.93 -7.50
CA ALA A 149 5.15 11.39 -8.46
C ALA A 149 5.03 12.91 -8.50
N GLY A 150 6.15 13.56 -8.78
CA GLY A 150 6.18 15.02 -8.92
C GLY A 150 7.02 15.66 -7.84
N GLY A 151 6.89 16.99 -7.74
CA GLY A 151 7.78 17.77 -6.89
C GLY A 151 7.41 17.76 -5.42
N ASP A 152 6.22 17.26 -5.09
CA ASP A 152 5.75 17.20 -3.72
C ASP A 152 5.41 15.77 -3.32
N TYR A 153 5.51 15.52 -2.02
CA TYR A 153 5.11 14.23 -1.46
C TYR A 153 3.62 14.03 -1.80
N SER A 154 3.28 12.81 -2.23
CA SER A 154 1.90 12.53 -2.66
C SER A 154 1.42 11.16 -2.22
N LEU A 155 0.16 10.86 -2.55
CA LEU A 155 -0.37 9.50 -2.35
C LEU A 155 0.52 8.42 -2.96
N ALA A 156 1.20 8.73 -4.08
CA ALA A 156 2.11 7.73 -4.69
C ALA A 156 3.20 7.30 -3.69
N ASP A 157 3.72 8.26 -2.94
CA ASP A 157 4.74 7.96 -1.94
C ASP A 157 4.21 7.07 -0.84
N ILE A 158 2.97 7.32 -0.39
CA ILE A 158 2.36 6.45 0.62
C ILE A 158 2.17 5.02 0.08
N ALA A 159 1.63 4.89 -1.13
CA ALA A 159 1.41 3.55 -1.69
C ALA A 159 2.74 2.81 -1.82
N PHE A 160 3.75 3.52 -2.34
CA PHE A 160 5.06 2.90 -2.47
C PHE A 160 5.71 2.58 -1.13
N LEU A 161 5.49 3.40 -0.10
CA LEU A 161 6.01 3.06 1.23
C LEU A 161 5.39 1.77 1.76
N ALA A 162 4.08 1.60 1.56
CA ALA A 162 3.42 0.37 1.99
C ALA A 162 4.04 -0.84 1.28
N THR A 163 4.24 -0.74 -0.03
CA THR A 163 4.77 -1.84 -0.81
C THR A 163 6.24 -2.11 -0.49
N VAL A 164 7.05 -1.06 -0.57
CA VAL A 164 8.49 -1.23 -0.36
C VAL A 164 8.83 -1.67 1.06
N SER A 165 8.08 -1.20 2.06
CA SER A 165 8.29 -1.67 3.43
C SER A 165 7.99 -3.17 3.59
N THR A 166 7.10 -3.69 2.74
CA THR A 166 6.79 -5.12 2.77
C THR A 166 7.98 -5.89 2.19
N PHE A 167 8.54 -5.41 1.08
CA PHE A 167 9.80 -5.96 0.55
C PHE A 167 10.90 -5.90 1.61
N ASP A 168 10.99 -4.77 2.30
CA ASP A 168 11.99 -4.57 3.34
C ASP A 168 11.85 -5.66 4.41
N VAL A 169 10.65 -5.82 4.95
CA VAL A 169 10.47 -6.76 6.07
C VAL A 169 10.64 -8.21 5.61
N ALA A 170 10.44 -8.45 4.31
CA ALA A 170 10.57 -9.78 3.68
C ALA A 170 12.03 -10.16 3.45
N GLY A 171 12.92 -9.18 3.61
CA GLY A 171 14.36 -9.40 3.45
C GLY A 171 14.89 -9.16 2.06
N PHE A 172 14.11 -8.50 1.20
CA PHE A 172 14.57 -8.18 -0.14
C PHE A 172 15.57 -7.03 -0.08
N ASP A 173 16.70 -7.22 -0.78
CA ASP A 173 17.78 -6.25 -0.83
C ASP A 173 17.52 -5.21 -1.91
N PHE A 174 17.02 -4.04 -1.51
CA PHE A 174 16.81 -2.98 -2.49
C PHE A 174 17.80 -1.83 -2.40
N LYS A 175 18.79 -1.96 -1.51
CA LYS A 175 19.89 -0.99 -1.36
C LYS A 175 20.57 -0.66 -2.68
N ARG A 176 20.72 -1.66 -3.55
CA ARG A 176 21.40 -1.46 -4.82
C ARG A 176 20.63 -0.57 -5.80
N TYR A 177 19.34 -0.36 -5.52
CA TYR A 177 18.56 0.60 -6.31
C TYR A 177 18.72 1.92 -5.58
N ALA A 178 19.80 2.61 -5.93
CA ALA A 178 20.24 3.81 -5.21
C ALA A 178 19.19 4.89 -5.04
N ASN A 179 18.41 5.17 -6.09
CA ASN A 179 17.36 6.18 -5.98
C ASN A 179 16.24 5.71 -5.07
N VAL A 180 15.90 4.43 -5.15
CA VAL A 180 14.87 3.87 -4.27
C VAL A 180 15.33 3.98 -2.82
N ALA A 181 16.58 3.61 -2.56
CA ALA A 181 17.09 3.64 -1.17
C ALA A 181 17.03 5.06 -0.60
N ARG A 182 17.43 6.03 -1.42
CA ARG A 182 17.41 7.43 -1.02
C ARG A 182 15.99 7.89 -0.72
N TRP A 183 15.09 7.65 -1.69
CA TRP A 183 13.68 8.03 -1.58
C TRP A 183 13.04 7.46 -0.32
N TYR A 184 13.33 6.20 -0.04
CA TYR A 184 12.69 5.44 1.03
C TYR A 184 13.01 6.04 2.38
N GLU A 185 14.31 6.24 2.63
CA GLU A 185 14.70 6.77 3.93
C GLU A 185 14.17 8.18 4.15
N ASN A 186 14.14 8.99 3.10
CA ASN A 186 13.64 10.34 3.23
C ASN A 186 12.11 10.34 3.43
N ALA A 187 11.42 9.53 2.64
CA ALA A 187 9.96 9.49 2.70
C ALA A 187 9.48 9.02 4.07
N LYS A 188 10.19 8.06 4.69
CA LYS A 188 9.84 7.61 6.04
C LYS A 188 9.75 8.79 7.00
N LYS A 189 10.69 9.73 6.88
CA LYS A 189 10.78 10.87 7.80
C LYS A 189 9.58 11.79 7.67
N LEU A 190 8.95 11.76 6.49
CA LEU A 190 7.85 12.65 6.16
C LEU A 190 6.49 11.98 6.29
N THR A 191 6.48 10.79 6.87
CA THR A 191 5.26 10.00 6.96
C THR A 191 4.80 9.82 8.42
N PRO A 192 3.80 10.62 8.86
CA PRO A 192 3.40 10.47 10.26
C PRO A 192 2.90 9.08 10.61
N GLY A 193 2.33 8.35 9.65
CA GLY A 193 1.88 6.98 9.92
C GLY A 193 2.97 5.90 9.83
N TRP A 194 4.23 6.30 9.70
CA TRP A 194 5.30 5.33 9.46
C TRP A 194 5.42 4.29 10.58
N GLU A 195 5.50 4.74 11.83
CA GLU A 195 5.66 3.80 12.94
C GLU A 195 4.58 2.73 12.97
N GLU A 196 3.33 3.15 12.71
CA GLU A 196 2.22 2.21 12.67
C GLU A 196 2.37 1.22 11.50
N ASN A 197 2.82 1.74 10.36
CA ASN A 197 3.11 0.90 9.22
C ASN A 197 4.18 -0.16 9.51
N TRP A 198 5.29 0.26 10.13
CA TRP A 198 6.36 -0.69 10.38
C TRP A 198 5.96 -1.74 11.43
N ALA A 199 5.17 -1.32 12.42
CA ALA A 199 4.60 -2.28 13.39
C ALA A 199 3.72 -3.29 12.66
N GLY A 200 2.90 -2.83 11.71
CA GLY A 200 2.05 -3.75 10.96
C GLY A 200 2.88 -4.70 10.10
N CYS A 201 4.01 -4.21 9.58
CA CYS A 201 4.91 -5.06 8.83
C CYS A 201 5.39 -6.26 9.67
N GLN A 202 5.49 -6.08 10.98
CA GLN A 202 5.91 -7.18 11.85
C GLN A 202 4.88 -8.29 11.93
N GLU A 203 3.59 -7.92 11.81
CA GLU A 203 2.53 -8.92 11.74
C GLU A 203 2.68 -9.72 10.46
N PHE A 204 2.95 -9.03 9.35
CA PHE A 204 3.20 -9.73 8.09
C PHE A 204 4.42 -10.64 8.15
N ARG A 205 5.45 -10.18 8.85
CA ARG A 205 6.69 -10.95 8.99
C ARG A 205 6.45 -12.33 9.62
N LYS A 206 5.40 -12.45 10.43
CA LYS A 206 5.04 -13.74 11.04
C LYS A 206 4.90 -14.86 10.01
N TYR A 207 4.49 -14.51 8.79
CA TYR A 207 4.36 -15.50 7.72
C TYR A 207 5.69 -16.11 7.30
N PHE A 208 6.80 -15.42 7.62
CA PHE A 208 8.15 -15.87 7.27
C PHE A 208 8.83 -16.65 8.40
N ASP A 209 8.18 -16.73 9.55
CA ASP A 209 8.78 -17.35 10.75
C ASP A 209 8.95 -18.86 10.60
#